data_2B0Q
#
_entry.id   2B0Q
#
_cell.length_a   46.357
_cell.length_b   46.357
_cell.length_c   301.613
_cell.angle_alpha   90.00
_cell.angle_beta   90.00
_cell.angle_gamma   90.00
#
_symmetry.space_group_name_H-M   'P 43 2 2'
#
loop_
_entity.id
_entity.type
_entity.pdbx_description
1 polymer "Aminoglycoside 3'-phosphotransferase"
2 non-polymer NEOMYCIN
3 non-polymer 'MAGNESIUM ION'
4 non-polymer "ADENOSINE-5'-DIPHOSPHATE"
5 water water
#
_entity_poly.entity_id   1
_entity_poly.type   'polypeptide(L)'
_entity_poly.pdbx_seq_one_letter_code
;AKMRISPELKKLIEKYRCVKDTEGMSPAKVYKLVGENENLYLKMTDSRYKGTTYDVEREKDMMLWLEGKLPVPKVLHFER
HDGWSNLLMSEADGVLCSEEYEDEQSPEKIIELYAECIRLFHSIDISDCPYTNSLDSRLAELDYLLNNDLADVDCENWEE
DTPFKDPRELYDFLKTEKPEEELVFSHGDLGDSNIFVKDGKVSGFIDLGRSGRADKWYDIAFCVRSIREDIGEEQYVELF
FDLLGIKPDWEKIKYYILLDELF
;
_entity_poly.pdbx_strand_id   A
#
# COMPACT_ATOMS: atom_id res chain seq x y z
N ALA A 1 16.79 -21.89 -7.46
CA ALA A 1 15.71 -21.36 -8.34
C ALA A 1 14.34 -21.66 -7.74
N LYS A 2 13.30 -21.58 -8.56
CA LYS A 2 11.94 -21.83 -8.12
C LYS A 2 10.98 -22.07 -9.29
N MET A 3 9.72 -21.75 -9.09
CA MET A 3 8.71 -21.92 -10.12
C MET A 3 7.69 -20.78 -10.11
N ARG A 4 6.41 -21.15 -10.06
CA ARG A 4 5.34 -20.16 -10.05
C ARG A 4 3.98 -20.65 -9.51
N ILE A 5 3.06 -20.99 -10.41
CA ILE A 5 1.72 -21.43 -10.01
C ILE A 5 1.46 -22.93 -10.01
N SER A 6 0.45 -23.33 -9.26
CA SER A 6 0.04 -24.73 -9.14
C SER A 6 -0.84 -25.13 -10.33
N PRO A 7 -1.16 -26.43 -10.46
CA PRO A 7 -2.00 -26.94 -11.55
C PRO A 7 -3.41 -26.36 -11.52
N GLU A 8 -4.00 -26.36 -10.33
CA GLU A 8 -5.35 -25.83 -10.11
C GLU A 8 -5.43 -24.42 -10.66
N LEU A 9 -4.56 -23.58 -10.12
CA LEU A 9 -4.49 -22.18 -10.53
C LEU A 9 -4.04 -22.04 -11.99
N LYS A 10 -3.46 -23.10 -12.54
CA LYS A 10 -3.01 -23.06 -13.93
C LYS A 10 -4.21 -23.32 -14.84
N LYS A 11 -5.29 -23.83 -14.23
CA LYS A 11 -6.51 -24.12 -14.96
C LYS A 11 -7.27 -22.81 -15.16
N LEU A 12 -7.56 -22.12 -14.05
CA LEU A 12 -8.29 -20.86 -14.10
C LEU A 12 -7.60 -19.83 -15.01
N ILE A 13 -6.28 -19.70 -14.87
CA ILE A 13 -5.51 -18.75 -15.66
C ILE A 13 -5.59 -19.06 -17.16
N GLU A 14 -5.79 -20.33 -17.48
CA GLU A 14 -5.91 -20.78 -18.87
C GLU A 14 -7.30 -20.45 -19.39
N LYS A 15 -8.29 -20.54 -18.50
CA LYS A 15 -9.68 -20.25 -18.85
C LYS A 15 -9.91 -18.75 -19.10
N TYR A 16 -9.12 -17.91 -18.44
CA TYR A 16 -9.19 -16.47 -18.62
C TYR A 16 -7.99 -16.03 -19.43
N ARG A 17 -8.14 -14.99 -20.23
CA ARG A 17 -7.01 -14.47 -20.98
C ARG A 17 -6.13 -13.70 -19.98
N CYS A 18 -4.88 -14.08 -19.82
CA CYS A 18 -4.02 -13.41 -18.87
C CYS A 18 -3.14 -12.29 -19.44
N VAL A 19 -3.09 -11.16 -18.71
CA VAL A 19 -2.29 -10.00 -19.09
C VAL A 19 -1.38 -9.63 -17.91
N LYS A 20 -0.10 -9.42 -18.19
CA LYS A 20 0.87 -9.10 -17.14
C LYS A 20 0.98 -7.60 -16.80
N ASP A 21 0.63 -7.27 -15.57
CA ASP A 21 0.67 -5.91 -15.04
C ASP A 21 2.08 -5.31 -15.14
N THR A 22 2.18 -4.00 -14.96
CA THR A 22 3.45 -3.28 -15.00
C THR A 22 3.31 -2.01 -14.15
N GLU A 23 2.33 -2.05 -13.25
CA GLU A 23 2.01 -0.95 -12.35
C GLU A 23 2.48 -1.27 -10.92
N GLY A 24 3.16 -2.39 -10.76
CA GLY A 24 3.63 -2.79 -9.44
C GLY A 24 5.12 -2.69 -9.19
N MET A 25 5.59 -1.49 -8.84
CA MET A 25 7.00 -1.25 -8.56
C MET A 25 7.56 -2.18 -7.48
N SER A 26 6.71 -3.03 -6.92
CA SER A 26 7.12 -3.95 -5.88
C SER A 26 7.72 -5.27 -6.38
N PRO A 27 8.11 -6.17 -5.45
CA PRO A 27 8.70 -7.46 -5.80
C PRO A 27 7.62 -8.48 -6.16
N ALA A 28 6.38 -8.02 -6.23
CA ALA A 28 5.28 -8.89 -6.56
C ALA A 28 5.00 -8.89 -8.04
N LYS A 29 4.43 -10.01 -8.50
CA LYS A 29 4.05 -10.17 -9.89
C LYS A 29 2.53 -10.02 -9.92
N VAL A 30 2.04 -9.21 -10.83
CA VAL A 30 0.61 -8.95 -10.89
C VAL A 30 0.03 -9.27 -12.25
N TYR A 31 -1.00 -10.12 -12.28
CA TYR A 31 -1.62 -10.47 -13.53
C TYR A 31 -3.11 -10.27 -13.48
N LYS A 32 -3.64 -9.72 -14.56
CA LYS A 32 -5.08 -9.50 -14.71
C LYS A 32 -5.57 -10.74 -15.46
N LEU A 33 -6.66 -11.34 -14.97
CA LEU A 33 -7.22 -12.51 -15.63
C LEU A 33 -8.51 -12.13 -16.35
N VAL A 34 -8.35 -11.50 -17.52
CA VAL A 34 -9.47 -11.07 -18.34
C VAL A 34 -10.42 -12.22 -18.59
N GLY A 35 -11.68 -12.05 -18.19
CA GLY A 35 -12.65 -13.10 -18.38
C GLY A 35 -13.95 -12.62 -19.01
N GLU A 36 -14.76 -13.58 -19.45
CA GLU A 36 -16.04 -13.27 -20.08
C GLU A 36 -17.06 -12.76 -19.07
N ASN A 37 -17.18 -13.45 -17.93
CA ASN A 37 -18.12 -13.06 -16.89
C ASN A 37 -17.57 -12.00 -15.96
N GLU A 38 -16.26 -11.82 -15.98
CA GLU A 38 -15.61 -10.85 -15.10
C GLU A 38 -14.12 -10.88 -15.35
N ASN A 39 -13.37 -10.35 -14.39
CA ASN A 39 -11.92 -10.35 -14.47
C ASN A 39 -11.44 -10.70 -13.07
N LEU A 40 -10.32 -11.41 -12.98
CA LEU A 40 -9.78 -11.78 -11.70
C LEU A 40 -8.37 -11.25 -11.65
N TYR A 41 -7.80 -11.19 -10.45
CA TYR A 41 -6.44 -10.70 -10.32
C TYR A 41 -5.59 -11.65 -9.52
N LEU A 42 -4.44 -11.97 -10.11
CA LEU A 42 -3.49 -12.85 -9.45
C LEU A 42 -2.26 -12.00 -9.04
N LYS A 43 -1.72 -12.27 -7.85
CA LYS A 43 -0.55 -11.56 -7.34
C LYS A 43 0.35 -12.59 -6.66
N MET A 44 1.63 -12.55 -6.96
CA MET A 44 2.56 -13.54 -6.41
C MET A 44 3.87 -12.96 -5.88
N THR A 45 4.31 -13.45 -4.73
CA THR A 45 5.60 -13.01 -4.20
C THR A 45 6.48 -14.22 -3.91
N ASP A 46 7.76 -14.14 -4.27
CA ASP A 46 8.66 -15.26 -4.05
C ASP A 46 9.08 -15.32 -2.59
N SER A 47 9.56 -16.50 -2.21
CA SER A 47 10.01 -16.80 -0.85
C SER A 47 10.88 -15.76 -0.15
N ARG A 48 11.86 -15.21 -0.86
CA ARG A 48 12.75 -14.22 -0.28
C ARG A 48 12.03 -13.25 0.65
N TYR A 49 10.79 -12.91 0.33
CA TYR A 49 10.05 -11.94 1.13
C TYR A 49 9.06 -12.51 2.14
N LYS A 50 8.90 -13.83 2.18
CA LYS A 50 7.97 -14.44 3.14
C LYS A 50 8.04 -13.74 4.50
N GLY A 51 6.92 -13.68 5.21
CA GLY A 51 6.91 -13.05 6.52
C GLY A 51 7.19 -11.55 6.54
N THR A 52 7.55 -10.98 5.38
CA THR A 52 7.84 -9.56 5.26
C THR A 52 6.50 -8.89 4.93
N THR A 53 6.42 -7.56 4.85
CA THR A 53 5.14 -6.92 4.51
C THR A 53 4.88 -6.88 3.02
N TYR A 54 5.65 -7.65 2.25
CA TYR A 54 5.45 -7.71 0.82
C TYR A 54 4.81 -9.05 0.55
N ASP A 55 5.03 -9.99 1.46
CA ASP A 55 4.49 -11.34 1.36
C ASP A 55 2.98 -11.30 1.23
N VAL A 56 2.45 -11.72 0.07
CA VAL A 56 1.01 -11.67 -0.14
C VAL A 56 0.28 -12.55 0.87
N GLU A 57 1.00 -13.52 1.41
CA GLU A 57 0.44 -14.44 2.39
C GLU A 57 -0.16 -13.58 3.48
N ARG A 58 0.50 -12.44 3.72
CA ARG A 58 0.08 -11.48 4.74
C ARG A 58 -0.95 -10.52 4.19
N GLU A 59 -0.77 -10.13 2.94
CA GLU A 59 -1.70 -9.23 2.30
C GLU A 59 -3.06 -9.92 2.28
N LYS A 60 -3.03 -11.24 2.12
CA LYS A 60 -4.26 -12.05 2.08
C LYS A 60 -4.97 -12.08 3.43
N ASP A 61 -4.20 -12.31 4.49
CA ASP A 61 -4.77 -12.34 5.83
C ASP A 61 -5.50 -11.03 6.05
N MET A 62 -4.82 -9.92 5.80
CA MET A 62 -5.42 -8.61 5.97
C MET A 62 -6.62 -8.37 5.06
N MET A 63 -6.57 -8.91 3.84
CA MET A 63 -7.65 -8.76 2.90
C MET A 63 -8.90 -9.51 3.40
N LEU A 64 -8.66 -10.62 4.07
CA LEU A 64 -9.74 -11.41 4.63
C LEU A 64 -10.37 -10.65 5.80
N TRP A 65 -9.53 -10.07 6.64
CA TRP A 65 -9.95 -9.33 7.83
C TRP A 65 -10.79 -8.07 7.58
N LEU A 66 -10.67 -7.48 6.40
CA LEU A 66 -11.41 -6.26 6.10
C LEU A 66 -12.82 -6.45 5.57
N GLU A 67 -13.24 -7.71 5.49
CA GLU A 67 -14.59 -8.00 5.00
C GLU A 67 -15.58 -7.25 5.87
N GLY A 68 -16.55 -6.60 5.24
CA GLY A 68 -17.55 -5.87 5.99
C GLY A 68 -16.96 -4.73 6.80
N LYS A 69 -15.73 -4.33 6.48
CA LYS A 69 -15.07 -3.23 7.18
C LYS A 69 -14.71 -2.13 6.18
N LEU A 70 -13.91 -2.48 5.18
CA LEU A 70 -13.51 -1.54 4.13
C LEU A 70 -13.82 -2.24 2.81
N PRO A 71 -13.88 -1.47 1.72
CA PRO A 71 -14.17 -2.03 0.39
C PRO A 71 -12.87 -2.64 -0.16
N VAL A 72 -12.68 -3.94 0.03
CA VAL A 72 -11.48 -4.62 -0.44
C VAL A 72 -11.86 -5.76 -1.36
N PRO A 73 -10.92 -6.27 -2.16
CA PRO A 73 -11.24 -7.38 -3.06
C PRO A 73 -11.65 -8.60 -2.25
N LYS A 74 -12.20 -9.59 -2.96
CA LYS A 74 -12.63 -10.83 -2.33
C LYS A 74 -11.58 -11.91 -2.58
N VAL A 75 -11.08 -12.46 -1.48
CA VAL A 75 -10.08 -13.52 -1.50
C VAL A 75 -10.68 -14.79 -2.11
N LEU A 76 -10.32 -15.09 -3.36
CA LEU A 76 -10.83 -16.27 -4.03
C LEU A 76 -10.01 -17.52 -3.75
N HIS A 77 -8.73 -17.45 -4.08
CA HIS A 77 -7.84 -18.59 -3.85
C HIS A 77 -6.48 -18.14 -3.32
N PHE A 78 -5.93 -18.91 -2.38
CA PHE A 78 -4.60 -18.60 -1.90
C PHE A 78 -3.78 -19.87 -1.74
N GLU A 79 -2.49 -19.76 -1.98
CA GLU A 79 -1.62 -20.93 -1.90
C GLU A 79 -0.15 -20.59 -1.79
N ARG A 80 0.61 -21.58 -1.34
CA ARG A 80 2.05 -21.50 -1.21
C ARG A 80 2.57 -22.62 -2.11
N HIS A 81 2.97 -22.26 -3.32
CA HIS A 81 3.46 -23.24 -4.27
C HIS A 81 4.86 -22.95 -4.78
N ASP A 82 5.81 -23.80 -4.37
CA ASP A 82 7.23 -23.70 -4.73
C ASP A 82 7.94 -22.49 -4.13
N GLY A 83 7.60 -22.17 -2.90
CA GLY A 83 8.22 -21.04 -2.24
C GLY A 83 7.70 -19.77 -2.86
N TRP A 84 6.39 -19.72 -3.12
CA TRP A 84 5.74 -18.57 -3.70
C TRP A 84 4.38 -18.42 -3.07
N SER A 85 4.05 -17.21 -2.63
CA SER A 85 2.74 -16.95 -2.08
C SER A 85 1.90 -16.41 -3.23
N ASN A 86 0.90 -17.20 -3.63
CA ASN A 86 0.03 -16.83 -4.74
C ASN A 86 -1.39 -16.53 -4.26
N LEU A 87 -1.88 -15.34 -4.63
CA LEU A 87 -3.23 -14.93 -4.27
C LEU A 87 -4.11 -14.65 -5.49
N LEU A 88 -5.26 -15.31 -5.54
CA LEU A 88 -6.23 -15.10 -6.60
C LEU A 88 -7.33 -14.24 -5.96
N MET A 89 -7.67 -13.14 -6.60
CA MET A 89 -8.68 -12.26 -6.04
C MET A 89 -9.62 -11.74 -7.11
N SER A 90 -10.70 -11.12 -6.66
CA SER A 90 -11.69 -10.54 -7.57
C SER A 90 -11.28 -9.12 -7.93
N GLU A 91 -11.78 -8.63 -9.07
CA GLU A 91 -11.47 -7.29 -9.56
C GLU A 91 -12.14 -6.19 -8.75
N ALA A 92 -11.34 -5.31 -8.17
CA ALA A 92 -11.83 -4.20 -7.36
C ALA A 92 -12.98 -3.46 -8.04
N ASP A 93 -13.93 -2.98 -7.24
CA ASP A 93 -15.06 -2.24 -7.75
C ASP A 93 -14.69 -0.78 -8.02
N GLY A 94 -15.00 -0.30 -9.21
CA GLY A 94 -14.69 1.07 -9.54
C GLY A 94 -13.59 1.22 -10.55
N VAL A 95 -12.98 2.40 -10.55
CA VAL A 95 -11.88 2.75 -11.44
C VAL A 95 -10.64 3.08 -10.59
N LEU A 96 -9.45 2.93 -11.17
CA LEU A 96 -8.26 3.25 -10.41
C LEU A 96 -8.30 4.77 -10.22
N CYS A 97 -8.02 5.25 -9.01
CA CYS A 97 -8.07 6.69 -8.73
C CYS A 97 -7.17 7.49 -9.67
N SER A 98 -6.04 6.90 -10.03
CA SER A 98 -5.07 7.53 -10.93
C SER A 98 -5.60 7.63 -12.35
N GLU A 99 -6.56 6.75 -12.65
CA GLU A 99 -7.15 6.70 -13.97
C GLU A 99 -8.62 7.17 -13.98
N GLU A 100 -9.06 7.79 -12.89
CA GLU A 100 -10.42 8.31 -12.78
C GLU A 100 -10.35 9.83 -12.94
N TYR A 101 -9.14 10.34 -12.75
CA TYR A 101 -8.86 11.77 -12.86
C TYR A 101 -7.45 11.87 -13.45
N GLU A 102 -7.10 10.90 -14.29
CA GLU A 102 -5.79 10.84 -14.96
C GLU A 102 -5.41 12.17 -15.60
N ASP A 103 -6.36 12.80 -16.27
CA ASP A 103 -6.13 14.10 -16.88
C ASP A 103 -6.00 15.04 -15.68
N GLU A 104 -6.75 14.71 -14.63
CA GLU A 104 -6.76 15.46 -13.38
C GLU A 104 -7.50 16.80 -13.44
N GLN A 105 -6.84 17.84 -12.94
CA GLN A 105 -7.45 19.16 -12.90
C GLN A 105 -8.84 19.07 -12.29
N SER A 106 -8.86 18.40 -11.15
CA SER A 106 -10.02 18.19 -10.29
C SER A 106 -9.34 18.01 -8.93
N PRO A 107 -8.32 18.87 -8.64
CA PRO A 107 -7.57 18.81 -7.38
C PRO A 107 -8.39 18.57 -6.12
N GLU A 108 -9.41 19.40 -5.92
CA GLU A 108 -10.28 19.32 -4.75
C GLU A 108 -11.00 17.98 -4.63
N LYS A 109 -11.27 17.34 -5.76
CA LYS A 109 -11.94 16.05 -5.71
C LYS A 109 -10.97 14.99 -5.22
N ILE A 110 -9.70 15.12 -5.59
CA ILE A 110 -8.69 14.17 -5.15
C ILE A 110 -8.50 14.37 -3.65
N ILE A 111 -8.37 15.63 -3.25
CA ILE A 111 -8.18 15.97 -1.84
C ILE A 111 -9.32 15.39 -1.02
N GLU A 112 -10.53 15.41 -1.57
CA GLU A 112 -11.69 14.86 -0.90
C GLU A 112 -11.53 13.36 -0.73
N LEU A 113 -11.23 12.67 -1.82
CA LEU A 113 -11.05 11.24 -1.77
C LEU A 113 -9.95 10.82 -0.80
N TYR A 114 -8.82 11.53 -0.82
CA TYR A 114 -7.74 11.24 0.12
C TYR A 114 -8.29 11.38 1.56
N ALA A 115 -8.85 12.55 1.86
CA ALA A 115 -9.40 12.83 3.17
C ALA A 115 -10.52 11.87 3.55
N GLU A 116 -11.17 11.30 2.54
CA GLU A 116 -12.26 10.37 2.78
C GLU A 116 -11.73 9.04 3.27
N CYS A 117 -10.58 8.65 2.71
CA CYS A 117 -9.90 7.39 3.09
C CYS A 117 -9.45 7.49 4.55
N ILE A 118 -8.85 8.62 4.88
CA ILE A 118 -8.36 8.89 6.22
C ILE A 118 -9.44 8.74 7.25
N ARG A 119 -10.52 9.50 7.09
CA ARG A 119 -11.62 9.44 8.05
C ARG A 119 -12.09 8.01 8.12
N LEU A 120 -12.26 7.41 6.95
CA LEU A 120 -12.71 6.03 6.82
C LEU A 120 -11.86 5.07 7.64
N PHE A 121 -10.54 5.13 7.46
CA PHE A 121 -9.63 4.25 8.20
C PHE A 121 -9.82 4.42 9.70
N HIS A 122 -9.95 5.67 10.16
CA HIS A 122 -10.18 5.94 11.59
C HIS A 122 -11.60 5.54 11.98
N SER A 123 -12.01 4.36 11.53
CA SER A 123 -13.34 3.85 11.84
C SER A 123 -13.19 2.36 12.04
N ILE A 124 -12.27 1.77 11.29
CA ILE A 124 -12.03 0.34 11.40
C ILE A 124 -11.43 0.09 12.80
N ASP A 125 -12.11 -0.78 13.55
CA ASP A 125 -11.70 -1.16 14.89
C ASP A 125 -10.48 -2.09 14.77
N ILE A 126 -9.41 -1.76 15.47
CA ILE A 126 -8.20 -2.55 15.43
C ILE A 126 -8.07 -3.48 16.63
N SER A 127 -9.18 -3.72 17.32
CA SER A 127 -9.18 -4.58 18.50
C SER A 127 -8.66 -5.96 18.14
N ASP A 128 -9.05 -6.45 16.96
CA ASP A 128 -8.66 -7.77 16.48
C ASP A 128 -7.78 -7.72 15.24
N CYS A 129 -7.21 -6.55 14.93
CA CYS A 129 -6.34 -6.45 13.75
C CYS A 129 -5.22 -7.48 13.86
N PRO A 130 -5.02 -8.26 12.80
CA PRO A 130 -4.00 -9.32 12.72
C PRO A 130 -2.57 -8.86 12.94
N TYR A 131 -2.16 -7.79 12.27
CA TYR A 131 -0.80 -7.30 12.42
C TYR A 131 -0.69 -5.90 12.97
N THR A 132 0.39 -5.69 13.71
CA THR A 132 0.69 -4.40 14.28
C THR A 132 1.94 -3.93 13.58
N ASN A 133 1.87 -2.74 13.00
CA ASN A 133 3.01 -2.21 12.30
C ASN A 133 3.49 -0.91 12.93
N SER A 134 3.96 -1.02 14.17
CA SER A 134 4.48 0.14 14.87
C SER A 134 5.90 0.31 14.36
N LEU A 135 6.48 1.48 14.55
CA LEU A 135 7.83 1.73 14.09
C LEU A 135 8.78 0.62 14.50
N ASP A 136 8.60 0.08 15.71
CA ASP A 136 9.44 -1.00 16.23
C ASP A 136 9.47 -2.17 15.26
N SER A 137 8.28 -2.64 14.91
CA SER A 137 8.12 -3.75 13.99
C SER A 137 8.63 -3.39 12.61
N ARG A 138 8.47 -2.13 12.24
CA ARG A 138 8.88 -1.66 10.92
C ARG A 138 10.37 -1.40 10.77
N LEU A 139 11.00 -0.84 11.80
CA LEU A 139 12.43 -0.60 11.75
C LEU A 139 13.06 -1.98 11.83
N ALA A 140 12.38 -2.89 12.52
CA ALA A 140 12.86 -4.25 12.63
C ALA A 140 12.92 -4.81 11.21
N GLU A 141 11.79 -4.77 10.52
CA GLU A 141 11.70 -5.27 9.16
C GLU A 141 12.70 -4.64 8.19
N LEU A 142 12.82 -3.31 8.26
CA LEU A 142 13.76 -2.61 7.40
C LEU A 142 15.15 -3.20 7.59
N ASP A 143 15.65 -3.12 8.82
CA ASP A 143 16.97 -3.64 9.18
C ASP A 143 17.15 -4.97 8.48
N TYR A 144 16.17 -5.85 8.66
CA TYR A 144 16.17 -7.18 8.06
C TYR A 144 16.30 -7.13 6.52
N LEU A 145 15.52 -6.24 5.90
CA LEU A 145 15.52 -6.09 4.45
C LEU A 145 16.88 -5.66 3.91
N LEU A 146 17.56 -4.83 4.69
CA LEU A 146 18.86 -4.34 4.32
C LEU A 146 19.94 -5.40 4.49
N ASN A 147 19.85 -6.17 5.58
CA ASN A 147 20.83 -7.21 5.85
C ASN A 147 20.83 -8.29 4.78
N ASN A 148 19.67 -8.53 4.19
CA ASN A 148 19.53 -9.54 3.18
C ASN A 148 19.43 -8.92 1.78
N ASP A 149 19.95 -7.70 1.67
CA ASP A 149 19.95 -6.98 0.41
C ASP A 149 18.62 -7.11 -0.33
N LEU A 150 17.54 -7.23 0.46
CA LEU A 150 16.19 -7.38 -0.09
C LEU A 150 15.61 -6.05 -0.56
N ALA A 151 16.32 -4.95 -0.27
CA ALA A 151 15.85 -3.62 -0.66
C ALA A 151 16.75 -2.97 -1.71
N ASP A 152 16.14 -2.14 -2.55
CA ASP A 152 16.86 -1.41 -3.57
C ASP A 152 17.40 -0.15 -2.89
N VAL A 153 18.71 -0.08 -2.75
CA VAL A 153 19.30 1.07 -2.09
C VAL A 153 20.06 1.94 -3.05
N ASP A 154 19.95 1.64 -4.34
CA ASP A 154 20.67 2.42 -5.34
C ASP A 154 19.75 3.20 -6.26
N CYS A 155 18.95 2.44 -7.02
CA CYS A 155 18.07 3.00 -8.02
C CYS A 155 16.59 3.23 -7.68
N GLU A 156 16.29 3.68 -6.48
CA GLU A 156 14.90 3.96 -6.06
C GLU A 156 14.49 5.38 -6.47
N ASN A 157 13.22 5.72 -6.27
CA ASN A 157 12.72 7.06 -6.62
C ASN A 157 12.70 8.00 -5.45
N TRP A 158 13.88 8.23 -4.87
CA TRP A 158 14.06 9.12 -3.72
C TRP A 158 13.27 10.44 -3.87
N GLU A 159 13.02 11.09 -2.74
CA GLU A 159 12.23 12.31 -2.70
C GLU A 159 12.87 13.68 -2.93
N GLU A 160 14.10 13.74 -3.42
CA GLU A 160 14.72 15.05 -3.64
C GLU A 160 14.98 15.70 -2.28
N ASP A 161 14.33 15.15 -1.25
CA ASP A 161 14.45 15.64 0.12
C ASP A 161 15.51 14.85 0.87
N THR A 162 15.19 13.59 1.17
CA THR A 162 16.07 12.67 1.89
C THR A 162 17.47 13.29 2.03
N PRO A 163 17.73 13.91 3.19
CA PRO A 163 19.01 14.57 3.50
C PRO A 163 20.19 13.62 3.62
N PHE A 164 19.90 12.34 3.75
CA PHE A 164 20.93 11.31 3.92
C PHE A 164 21.65 10.89 2.65
N LYS A 165 22.89 10.42 2.81
CA LYS A 165 23.70 9.97 1.69
C LYS A 165 23.81 8.45 1.56
N ASP A 166 23.37 7.72 2.59
CA ASP A 166 23.41 6.26 2.55
C ASP A 166 22.25 5.67 3.33
N PRO A 167 21.89 4.41 3.04
CA PRO A 167 20.78 3.74 3.72
C PRO A 167 20.81 3.77 5.24
N ARG A 168 21.89 3.28 5.84
CA ARG A 168 22.00 3.24 7.30
C ARG A 168 21.86 4.59 7.98
N GLU A 169 22.25 5.67 7.31
CA GLU A 169 22.11 6.99 7.90
C GLU A 169 20.61 7.17 8.20
N LEU A 170 19.81 7.01 7.16
CA LEU A 170 18.36 7.13 7.26
C LEU A 170 17.83 6.21 8.35
N TYR A 171 18.13 4.92 8.26
CA TYR A 171 17.70 3.94 9.26
C TYR A 171 17.95 4.48 10.66
N ASP A 172 19.17 4.95 10.87
CA ASP A 172 19.57 5.50 12.15
C ASP A 172 18.67 6.65 12.57
N PHE A 173 18.50 7.64 11.69
CA PHE A 173 17.63 8.76 12.00
C PHE A 173 16.23 8.31 12.41
N LEU A 174 15.72 7.28 11.74
CA LEU A 174 14.39 6.76 12.04
C LEU A 174 14.43 6.08 13.39
N LYS A 175 15.33 5.11 13.51
CA LYS A 175 15.47 4.35 14.75
C LYS A 175 15.81 5.28 15.92
N THR A 176 16.15 6.53 15.60
CA THR A 176 16.52 7.53 16.60
C THR A 176 15.55 8.70 16.83
N GLU A 177 14.60 8.89 15.90
CA GLU A 177 13.64 9.99 16.01
C GLU A 177 12.21 9.52 16.14
N LYS A 178 12.06 8.22 16.39
CA LYS A 178 10.74 7.61 16.54
C LYS A 178 9.71 8.49 17.25
N PRO A 179 8.68 8.94 16.54
CA PRO A 179 7.68 9.78 17.20
C PRO A 179 6.86 8.89 18.13
N GLU A 180 6.00 9.51 18.94
CA GLU A 180 5.18 8.67 19.80
C GLU A 180 4.13 8.15 18.83
N GLU A 181 3.55 7.00 19.14
CA GLU A 181 2.57 6.40 18.25
C GLU A 181 1.16 6.29 18.79
N GLU A 182 0.21 6.77 18.00
CA GLU A 182 -1.20 6.69 18.35
C GLU A 182 -1.82 5.77 17.31
N LEU A 183 -1.80 4.47 17.61
CA LEU A 183 -2.29 3.45 16.69
C LEU A 183 -3.75 3.51 16.23
N VAL A 184 -3.91 3.67 14.92
CA VAL A 184 -5.21 3.73 14.25
C VAL A 184 -5.12 2.60 13.21
N PHE A 185 -6.00 2.62 12.21
CA PHE A 185 -5.92 1.61 11.16
C PHE A 185 -5.09 2.22 10.02
N SER A 186 -3.97 1.59 9.70
CA SER A 186 -3.13 2.13 8.63
C SER A 186 -3.19 1.23 7.41
N HIS A 187 -3.17 1.84 6.22
CA HIS A 187 -3.20 1.09 4.97
C HIS A 187 -1.79 0.59 4.68
N GLY A 188 -0.82 1.48 4.84
CA GLY A 188 0.56 1.10 4.61
C GLY A 188 1.12 1.43 3.24
N ASP A 189 0.28 1.97 2.37
CA ASP A 189 0.71 2.31 1.01
C ASP A 189 -0.43 3.03 0.30
N LEU A 190 -0.96 4.05 0.96
CA LEU A 190 -2.08 4.82 0.44
C LEU A 190 -1.59 5.71 -0.70
N GLY A 191 -2.04 5.41 -1.90
CA GLY A 191 -1.65 6.15 -3.08
C GLY A 191 -2.63 5.84 -4.19
N ASP A 192 -2.83 6.79 -5.10
CA ASP A 192 -3.78 6.64 -6.21
C ASP A 192 -3.67 5.35 -7.00
N SER A 193 -2.55 4.65 -6.86
CA SER A 193 -2.31 3.40 -7.59
C SER A 193 -2.93 2.21 -6.85
N ASN A 194 -3.15 2.39 -5.55
CA ASN A 194 -3.72 1.34 -4.75
C ASN A 194 -5.13 1.66 -4.26
N ILE A 195 -5.71 2.75 -4.76
CA ILE A 195 -7.07 3.15 -4.37
C ILE A 195 -8.06 3.17 -5.54
N PHE A 196 -9.29 2.75 -5.28
CA PHE A 196 -10.34 2.74 -6.30
C PHE A 196 -11.54 3.62 -5.92
N VAL A 197 -12.04 4.38 -6.88
CA VAL A 197 -13.17 5.27 -6.65
C VAL A 197 -14.30 5.02 -7.65
N LYS A 198 -15.49 5.48 -7.29
CA LYS A 198 -16.67 5.30 -8.14
C LYS A 198 -17.78 6.30 -7.79
N ASP A 199 -18.37 6.90 -8.82
CA ASP A 199 -19.45 7.87 -8.66
C ASP A 199 -19.14 9.01 -7.70
N GLY A 200 -17.87 9.15 -7.31
CA GLY A 200 -17.48 10.23 -6.42
C GLY A 200 -16.95 9.83 -5.05
N LYS A 201 -17.03 8.55 -4.71
CA LYS A 201 -16.52 8.08 -3.42
C LYS A 201 -15.47 6.96 -3.63
N VAL A 202 -14.81 6.55 -2.54
CA VAL A 202 -13.84 5.47 -2.65
C VAL A 202 -14.66 4.19 -2.66
N SER A 203 -14.30 3.26 -3.55
CA SER A 203 -15.01 2.00 -3.69
C SER A 203 -14.09 0.80 -3.63
N GLY A 204 -12.82 1.02 -3.35
CA GLY A 204 -11.91 -0.10 -3.27
C GLY A 204 -10.50 0.18 -2.79
N PHE A 205 -9.95 -0.79 -2.08
CA PHE A 205 -8.60 -0.72 -1.56
C PHE A 205 -7.89 -2.02 -1.90
N ILE A 206 -6.66 -1.90 -2.41
CA ILE A 206 -5.85 -3.08 -2.73
C ILE A 206 -4.42 -2.81 -2.25
N ASP A 207 -3.52 -3.76 -2.49
CA ASP A 207 -2.12 -3.61 -2.07
C ASP A 207 -2.16 -3.46 -0.54
N LEU A 208 -2.53 -4.53 0.17
CA LEU A 208 -2.65 -4.49 1.64
C LEU A 208 -1.58 -5.21 2.47
N GLY A 209 -0.34 -5.19 2.00
CA GLY A 209 0.75 -5.84 2.71
C GLY A 209 1.14 -5.21 4.04
N ARG A 210 1.15 -3.88 4.10
CA ARG A 210 1.49 -3.18 5.33
C ARG A 210 0.26 -2.66 6.03
N SER A 211 -0.88 -3.25 5.70
CA SER A 211 -2.15 -2.86 6.29
C SER A 211 -2.23 -3.43 7.70
N GLY A 212 -2.58 -2.59 8.67
CA GLY A 212 -2.69 -3.05 10.05
C GLY A 212 -2.60 -1.88 11.00
N ARG A 213 -2.14 -2.12 12.23
CA ARG A 213 -2.01 -1.05 13.24
C ARG A 213 -0.81 -0.16 12.97
N ALA A 214 -0.98 1.13 13.13
CA ALA A 214 0.12 2.07 12.91
C ALA A 214 -0.29 3.48 13.30
N ASP A 215 0.71 4.32 13.53
CA ASP A 215 0.40 5.69 13.90
C ASP A 215 -0.51 6.30 12.86
N LYS A 216 -1.29 7.29 13.28
CA LYS A 216 -2.23 7.96 12.40
C LYS A 216 -1.57 8.88 11.41
N TRP A 217 -0.37 9.38 11.72
CA TRP A 217 0.27 10.29 10.78
C TRP A 217 0.92 9.60 9.60
N TYR A 218 1.04 8.29 9.68
CA TYR A 218 1.62 7.49 8.62
C TYR A 218 0.87 7.68 7.30
N ASP A 219 -0.41 7.30 7.27
CA ASP A 219 -1.18 7.46 6.02
C ASP A 219 -1.28 8.92 5.60
N ILE A 220 -1.61 9.80 6.53
CA ILE A 220 -1.71 11.22 6.28
C ILE A 220 -0.45 11.70 5.56
N ALA A 221 0.70 11.29 6.08
CA ALA A 221 1.98 11.66 5.50
C ALA A 221 2.02 11.29 4.04
N PHE A 222 1.59 10.06 3.73
CA PHE A 222 1.57 9.58 2.35
C PHE A 222 0.74 10.47 1.42
N CYS A 223 -0.46 10.83 1.86
CA CYS A 223 -1.35 11.70 1.10
C CYS A 223 -0.68 13.04 0.83
N VAL A 224 0.03 13.56 1.84
CA VAL A 224 0.75 14.82 1.67
C VAL A 224 1.76 14.64 0.55
N ARG A 225 2.53 13.56 0.64
CA ARG A 225 3.54 13.23 -0.37
C ARG A 225 2.94 13.23 -1.77
N SER A 226 1.90 12.43 -1.96
CA SER A 226 1.27 12.36 -3.27
C SER A 226 0.77 13.74 -3.67
N ILE A 227 -0.05 14.35 -2.82
CA ILE A 227 -0.60 15.66 -3.12
C ILE A 227 0.49 16.60 -3.61
N ARG A 228 1.54 16.78 -2.81
CA ARG A 228 2.61 17.67 -3.19
C ARG A 228 3.23 17.39 -4.57
N GLU A 229 3.70 16.16 -4.80
CA GLU A 229 4.34 15.81 -6.05
C GLU A 229 3.43 15.83 -7.28
N ASP A 230 2.15 15.52 -7.10
CA ASP A 230 1.18 15.45 -8.20
C ASP A 230 0.37 16.70 -8.50
N ILE A 231 0.29 17.62 -7.55
CA ILE A 231 -0.45 18.87 -7.75
C ILE A 231 0.51 20.04 -7.57
N GLY A 232 1.44 19.90 -6.64
CA GLY A 232 2.43 20.94 -6.41
C GLY A 232 1.95 22.36 -6.09
N GLU A 233 1.09 22.50 -5.10
CA GLU A 233 0.62 23.82 -4.71
C GLU A 233 0.25 23.72 -3.25
N GLU A 234 1.13 24.22 -2.38
CA GLU A 234 0.94 24.19 -0.93
C GLU A 234 -0.53 24.41 -0.60
N GLN A 235 -1.19 25.19 -1.44
CA GLN A 235 -2.60 25.51 -1.26
C GLN A 235 -3.52 24.31 -1.00
N TYR A 236 -3.43 23.26 -1.83
CA TYR A 236 -4.28 22.08 -1.65
C TYR A 236 -3.81 21.15 -0.54
N VAL A 237 -2.59 21.35 -0.06
CA VAL A 237 -2.07 20.54 1.03
C VAL A 237 -2.77 21.08 2.26
N GLU A 238 -2.94 22.40 2.29
CA GLU A 238 -3.61 23.04 3.39
C GLU A 238 -5.05 22.59 3.43
N LEU A 239 -5.68 22.61 2.26
CA LEU A 239 -7.09 22.23 2.10
C LEU A 239 -7.32 20.81 2.60
N PHE A 240 -6.41 19.91 2.22
CA PHE A 240 -6.49 18.53 2.64
C PHE A 240 -6.68 18.53 4.14
N PHE A 241 -5.77 19.24 4.82
CA PHE A 241 -5.81 19.35 6.27
C PHE A 241 -7.11 20.00 6.75
N ASP A 242 -7.61 20.98 6.00
CA ASP A 242 -8.86 21.60 6.39
C ASP A 242 -9.98 20.56 6.32
N LEU A 243 -10.01 19.77 5.26
CA LEU A 243 -11.05 18.76 5.16
C LEU A 243 -10.91 17.72 6.27
N LEU A 244 -9.69 17.49 6.73
CA LEU A 244 -9.47 16.52 7.80
C LEU A 244 -9.84 17.12 9.14
N GLY A 245 -9.73 18.45 9.22
CA GLY A 245 -10.04 19.17 10.45
C GLY A 245 -8.96 18.96 11.49
N ILE A 246 -7.71 18.98 11.02
CA ILE A 246 -6.55 18.78 11.89
C ILE A 246 -5.35 19.64 11.49
N LYS A 247 -4.54 19.98 12.48
CA LYS A 247 -3.34 20.77 12.28
C LYS A 247 -2.19 19.83 11.93
N PRO A 248 -1.35 20.20 10.96
CA PRO A 248 -0.19 19.44 10.49
C PRO A 248 0.96 19.30 11.48
N ASP A 249 1.41 18.07 11.72
CA ASP A 249 2.57 17.86 12.59
C ASP A 249 3.73 17.61 11.62
N TRP A 250 4.23 18.68 11.01
CA TRP A 250 5.31 18.58 10.04
C TRP A 250 6.47 17.68 10.40
N GLU A 251 6.69 17.45 11.68
CA GLU A 251 7.79 16.60 12.08
C GLU A 251 7.42 15.15 11.80
N LYS A 252 6.24 14.75 12.26
CA LYS A 252 5.79 13.38 12.02
C LYS A 252 5.63 13.14 10.52
N ILE A 253 4.97 14.05 9.83
CA ILE A 253 4.75 13.91 8.39
C ILE A 253 6.06 13.65 7.66
N LYS A 254 7.07 14.47 7.94
CA LYS A 254 8.39 14.31 7.31
C LYS A 254 8.90 12.94 7.68
N TYR A 255 8.97 12.68 8.98
CA TYR A 255 9.47 11.43 9.48
C TYR A 255 8.89 10.25 8.72
N TYR A 256 7.58 10.09 8.79
CA TYR A 256 6.94 8.98 8.11
C TYR A 256 7.23 8.96 6.60
N ILE A 257 7.35 10.12 5.98
CA ILE A 257 7.66 10.12 4.55
C ILE A 257 8.99 9.38 4.33
N LEU A 258 10.00 9.76 5.12
CA LEU A 258 11.31 9.15 5.07
C LEU A 258 11.25 7.64 5.30
N LEU A 259 10.46 7.21 6.28
CA LEU A 259 10.33 5.79 6.57
C LEU A 259 10.01 4.95 5.34
N ASP A 260 9.38 5.57 4.34
CA ASP A 260 8.99 4.87 3.13
C ASP A 260 10.07 4.89 2.05
N GLU A 261 11.08 5.72 2.23
CA GLU A 261 12.15 5.86 1.26
C GLU A 261 12.83 4.55 0.84
N LEU A 262 13.02 3.64 1.79
CA LEU A 262 13.66 2.36 1.49
C LEU A 262 12.75 1.19 1.22
N PHE A 263 11.43 1.37 1.30
CA PHE A 263 10.52 0.26 1.03
C PHE A 263 10.04 0.23 -0.43
#